data_4JXU
#
_entry.id   4JXU
#
_cell.length_a   98.799
_cell.length_b   76.006
_cell.length_c   93.669
_cell.angle_alpha   90.000
_cell.angle_beta   90.000
_cell.angle_gamma   90.000
#
_symmetry.space_group_name_H-M   'P 21 21 2'
#
loop_
_entity.id
_entity.type
_entity.pdbx_description
1 polymer 'Putative aminotransferase'
2 water water
#
_entity_poly.entity_id   1
_entity_poly.type   'polypeptide(L)'
_entity_poly.pdbx_seq_one_letter_code
;QS(MSE)AVDTSPRSTTWTFVDGEWLAGNPPLIGPTSHA(MSE)WLGSTVFDGARWFDGIAPDLDLHCQRVNRSAEALGL
KPT(MSE)SAEEIEGLAWEGVKKFDGKTAIYVKP(MSE)YWGEHGSWSVVAVDPESTRFALCLFEAP(MSE)GNGHAGSS
LTLSPFRRPTLEC(MSE)PTDA(LLP)AGCLYPNNARILNEARSRGFDNALVRD(MSE)LGNIAETGSSNIF(MSE)VKD
GVVFTPAANRTFLAGITRSRV(MSE)GLLSEAGFEVIETSLT(MSE)ADFEGADEIFTSGNYSKVLPVTRLEQRELQAGP
VTAKARDLY(MSE)DWAHATERE
;
_entity_poly.pdbx_strand_id   A,B
#
# COMPACT_ATOMS: atom_id res chain seq x y z
N ALA A 4 -20.63 0.14 43.49
CA ALA A 4 -19.13 0.05 43.60
C ALA A 4 -18.42 0.88 42.51
N VAL A 5 -18.76 0.72 41.24
CA VAL A 5 -18.14 1.50 40.16
C VAL A 5 -18.77 2.89 40.06
N ASP A 6 -17.98 3.94 40.24
CA ASP A 6 -18.42 5.31 40.06
C ASP A 6 -18.43 5.70 38.56
N THR A 7 -19.60 5.98 38.00
CA THR A 7 -19.70 6.29 36.62
C THR A 7 -19.63 7.76 36.25
N SER A 8 -19.49 8.66 37.19
CA SER A 8 -19.26 10.05 36.77
C SER A 8 -17.93 10.26 36.01
N PRO A 9 -17.89 11.32 35.20
CA PRO A 9 -16.72 11.61 34.38
C PRO A 9 -15.48 12.04 35.18
N ARG A 10 -14.29 11.86 34.61
CA ARG A 10 -13.04 12.22 35.28
C ARG A 10 -12.76 13.70 35.10
N SER A 11 -13.54 14.41 34.30
CA SER A 11 -13.35 15.88 34.19
C SER A 11 -14.67 16.53 33.78
N THR A 12 -14.71 17.83 33.82
CA THR A 12 -15.95 18.57 33.47
C THR A 12 -16.41 18.20 32.05
N THR A 13 -17.69 17.89 31.93
CA THR A 13 -18.25 17.32 30.73
C THR A 13 -19.66 17.87 30.43
N TRP A 14 -19.91 18.22 29.19
CA TRP A 14 -21.20 18.67 28.74
C TRP A 14 -21.51 17.97 27.44
N THR A 15 -22.73 17.42 27.32
CA THR A 15 -23.12 16.65 26.17
C THR A 15 -24.43 17.15 25.62
N PHE A 16 -24.45 17.38 24.32
CA PHE A 16 -25.70 17.71 23.67
C PHE A 16 -26.37 16.43 23.14
N VAL A 17 -27.61 16.23 23.57
CA VAL A 17 -28.38 15.06 23.16
C VAL A 17 -29.87 15.34 23.33
N ASP A 18 -30.63 14.95 22.30
CA ASP A 18 -32.05 15.12 22.25
C ASP A 18 -32.42 16.54 22.63
N GLY A 19 -31.74 17.50 22.00
CA GLY A 19 -32.08 18.91 22.14
C GLY A 19 -31.60 19.63 23.39
N GLU A 20 -30.85 18.96 24.24
CA GLU A 20 -30.44 19.56 25.51
C GLU A 20 -28.96 19.35 25.79
N TRP A 21 -28.39 20.26 26.57
CA TRP A 21 -27.04 20.15 27.11
C TRP A 21 -27.10 19.62 28.50
N LEU A 22 -26.38 18.54 28.73
CA LEU A 22 -26.39 17.80 29.98
C LEU A 22 -24.99 17.68 30.52
N ALA A 23 -24.90 17.84 31.81
CA ALA A 23 -23.61 17.72 32.53
C ALA A 23 -23.40 16.27 32.93
N GLY A 24 -22.15 15.90 33.23
CA GLY A 24 -21.90 14.57 33.82
C GLY A 24 -21.83 13.47 32.78
N ASN A 25 -22.17 12.27 33.21
CA ASN A 25 -22.31 11.10 32.34
C ASN A 25 -23.77 10.57 32.37
N PRO A 26 -24.74 11.29 31.76
CA PRO A 26 -26.14 10.84 31.71
C PRO A 26 -26.31 9.57 30.87
N PRO A 27 -26.97 8.55 31.44
CA PRO A 27 -27.16 7.32 30.69
C PRO A 27 -28.06 7.52 29.49
N LEU A 28 -27.61 7.00 28.35
CA LEU A 28 -28.28 7.13 27.06
C LEU A 28 -28.67 5.82 26.42
N ILE A 29 -27.89 4.77 26.70
CA ILE A 29 -28.03 3.47 26.04
C ILE A 29 -28.39 2.39 27.03
N GLY A 30 -29.38 1.60 26.68
CA GLY A 30 -29.84 0.53 27.54
C GLY A 30 -29.60 -0.87 27.03
N PRO A 31 -30.03 -1.88 27.80
CA PRO A 31 -29.67 -3.29 27.55
C PRO A 31 -30.35 -3.88 26.31
N THR A 32 -31.37 -3.21 25.83
CA THR A 32 -32.07 -3.58 24.60
C THR A 32 -31.66 -2.66 23.40
N SER A 33 -30.80 -1.69 23.68
CA SER A 33 -30.24 -0.85 22.63
C SER A 33 -29.23 -1.66 21.82
N HIS A 34 -29.41 -1.64 20.52
CA HIS A 34 -28.58 -2.41 19.65
C HIS A 34 -27.09 -2.12 19.92
N ALA A 35 -26.74 -0.85 20.04
CA ALA A 35 -25.33 -0.45 20.30
C ALA A 35 -24.72 -1.04 21.54
N TRP A 37 -24.86 -4.17 22.71
CA TRP A 37 -24.28 -5.49 22.60
C TRP A 37 -23.71 -5.86 21.21
N LEU A 38 -24.11 -5.15 20.15
CA LEU A 38 -23.81 -5.55 18.80
C LEU A 38 -22.98 -4.53 18.03
N GLY A 39 -22.39 -3.59 18.72
CA GLY A 39 -21.30 -2.82 18.15
C GLY A 39 -21.63 -1.66 17.23
N SER A 40 -22.84 -1.10 17.25
CA SER A 40 -23.15 -0.07 16.27
C SER A 40 -22.88 1.37 16.76
N THR A 41 -21.60 1.71 16.96
CA THR A 41 -21.24 3.05 17.40
C THR A 41 -20.11 3.65 16.57
N VAL A 42 -20.08 4.96 16.50
CA VAL A 42 -19.10 5.65 15.66
C VAL A 42 -18.83 6.97 16.39
N PHE A 43 -17.62 7.47 16.33
CA PHE A 43 -17.32 8.74 16.98
C PHE A 43 -16.20 9.43 16.19
N ASP A 44 -15.90 10.68 16.55
CA ASP A 44 -14.72 11.36 16.07
C ASP A 44 -14.22 12.21 17.20
N GLY A 45 -13.12 12.90 16.97
CA GLY A 45 -12.46 13.67 18.00
C GLY A 45 -11.78 14.92 17.45
N ALA A 46 -11.99 16.06 18.09
CA ALA A 46 -11.26 17.30 17.78
C ALA A 46 -10.96 17.99 19.09
N ARG A 47 -10.16 19.03 19.02
CA ARG A 47 -9.62 19.70 20.24
C ARG A 47 -9.73 21.23 20.09
N TRP A 48 -10.31 21.86 21.11
CA TRP A 48 -10.37 23.27 21.21
C TRP A 48 -9.35 23.63 22.28
N PHE A 49 -8.59 24.70 21.99
CA PHE A 49 -7.59 25.26 22.91
C PHE A 49 -7.32 26.69 22.50
N ASP A 50 -7.43 27.63 23.44
CA ASP A 50 -7.10 29.02 23.16
C ASP A 50 -7.94 29.60 21.97
N GLY A 51 -9.25 29.38 21.98
CA GLY A 51 -10.15 29.96 20.98
C GLY A 51 -10.10 29.37 19.58
N ILE A 52 -9.29 28.32 19.39
CA ILE A 52 -9.21 27.66 18.09
C ILE A 52 -9.47 26.15 18.16
N ALA A 53 -10.07 25.65 17.07
CA ALA A 53 -10.33 24.22 16.91
C ALA A 53 -9.87 23.75 15.53
N PRO A 54 -8.59 23.45 15.40
CA PRO A 54 -8.01 22.98 14.12
C PRO A 54 -8.79 21.86 13.36
N ASP A 55 -9.15 22.09 12.11
CA ASP A 55 -9.88 21.13 11.28
C ASP A 55 -11.12 20.54 11.90
N LEU A 56 -11.72 21.25 12.84
CA LEU A 56 -12.99 20.85 13.37
C LEU A 56 -13.98 20.50 12.29
N ASP A 57 -14.03 21.29 11.21
CA ASP A 57 -14.99 21.01 10.13
C ASP A 57 -14.79 19.63 9.48
N LEU A 58 -13.52 19.24 9.30
CA LEU A 58 -13.20 17.97 8.70
C LEU A 58 -13.56 16.78 9.65
N HIS A 59 -13.40 16.98 10.95
CA HIS A 59 -13.79 15.94 11.89
C HIS A 59 -15.30 15.74 11.97
N CYS A 60 -16.06 16.82 11.81
CA CYS A 60 -17.50 16.72 11.73
C CYS A 60 -17.98 16.07 10.43
N GLN A 61 -17.31 16.32 9.31
CA GLN A 61 -17.65 15.57 8.08
C GLN A 61 -17.29 14.11 8.22
N ARG A 62 -16.16 13.80 8.86
CA ARG A 62 -15.76 12.41 8.96
C ARG A 62 -16.71 11.57 9.81
N VAL A 63 -17.27 12.12 10.90
CA VAL A 63 -18.13 11.31 11.77
C VAL A 63 -19.39 10.92 11.01
N ASN A 64 -19.84 11.78 10.11
CA ASN A 64 -20.90 11.42 9.19
C ASN A 64 -20.54 10.36 8.19
N ARG A 65 -19.35 10.42 7.62
CA ARG A 65 -18.92 9.33 6.68
C ARG A 65 -18.76 8.01 7.44
N SER A 66 -18.22 8.09 8.68
CA SER A 66 -18.08 6.91 9.51
C SER A 66 -19.43 6.24 9.73
N ALA A 67 -20.45 7.09 9.96
CA ALA A 67 -21.76 6.61 10.22
C ALA A 67 -22.34 5.89 8.98
N GLU A 68 -22.16 6.47 7.80
CA GLU A 68 -22.63 5.81 6.61
C GLU A 68 -21.93 4.49 6.44
N ALA A 69 -20.64 4.48 6.72
CA ALA A 69 -19.80 3.30 6.50
C ALA A 69 -20.13 2.15 7.41
N LEU A 70 -20.72 2.43 8.57
CA LEU A 70 -21.12 1.40 9.52
C LEU A 70 -22.59 1.05 9.45
N GLY A 71 -23.32 1.61 8.47
CA GLY A 71 -24.74 1.26 8.26
C GLY A 71 -25.71 2.13 9.06
N LEU A 72 -25.21 3.22 9.61
CA LEU A 72 -26.03 4.20 10.33
C LEU A 72 -26.40 5.33 9.38
N LYS A 73 -27.38 6.13 9.76
CA LYS A 73 -27.81 7.22 8.91
C LYS A 73 -27.53 8.50 9.66
N PRO A 74 -26.52 9.27 9.26
CA PRO A 74 -26.20 10.50 9.99
C PRO A 74 -27.35 11.49 10.08
N THR A 75 -27.77 11.85 11.27
CA THR A 75 -28.90 12.73 11.44
C THR A 75 -28.56 14.23 11.37
N SER A 77 -26.18 17.49 9.97
CA SER A 77 -25.23 17.97 8.97
C SER A 77 -23.95 18.31 9.70
N ALA A 78 -22.84 18.30 8.96
CA ALA A 78 -21.55 18.70 9.54
C ALA A 78 -21.55 20.13 10.09
N GLU A 79 -22.28 21.03 9.47
CA GLU A 79 -22.37 22.41 9.89
C GLU A 79 -23.06 22.51 11.23
N GLU A 80 -24.14 21.75 11.39
CA GLU A 80 -24.87 21.78 12.65
C GLU A 80 -24.01 21.23 13.79
N ILE A 81 -23.26 20.18 13.53
CA ILE A 81 -22.33 19.66 14.52
C ILE A 81 -21.27 20.67 14.94
N GLU A 82 -20.64 21.33 13.97
CA GLU A 82 -19.71 22.46 14.22
C GLU A 82 -20.39 23.50 15.05
N GLY A 83 -21.61 23.90 14.64
CA GLY A 83 -22.37 24.94 15.35
C GLY A 83 -22.54 24.58 16.84
N LEU A 84 -22.97 23.36 17.11
CA LEU A 84 -23.14 22.93 18.48
C LEU A 84 -21.85 22.90 19.24
N ALA A 85 -20.76 22.52 18.56
CA ALA A 85 -19.48 22.54 19.25
C ALA A 85 -19.10 23.96 19.75
N TRP A 86 -19.27 25.00 18.91
CA TRP A 86 -18.92 26.36 19.32
C TRP A 86 -19.82 26.86 20.44
N GLU A 87 -21.10 26.47 20.43
CA GLU A 87 -22.01 26.82 21.55
C GLU A 87 -21.62 26.12 22.85
N GLY A 88 -21.29 24.85 22.73
CA GLY A 88 -20.94 24.03 23.88
C GLY A 88 -19.66 24.47 24.58
N VAL A 89 -18.72 24.93 23.81
CA VAL A 89 -17.45 25.38 24.35
C VAL A 89 -17.61 26.58 25.31
N LYS A 90 -18.68 27.36 25.14
CA LYS A 90 -18.93 28.52 26.01
C LYS A 90 -19.40 28.14 27.39
N LYS A 91 -19.69 26.86 27.63
CA LYS A 91 -20.12 26.44 28.96
C LYS A 91 -18.96 26.11 29.87
N PHE A 92 -17.76 26.22 29.34
CA PHE A 92 -16.51 26.00 30.06
C PHE A 92 -15.78 27.34 30.34
N ASP A 93 -14.93 27.37 31.34
CA ASP A 93 -14.20 28.61 31.67
C ASP A 93 -13.09 28.92 30.69
N GLY A 94 -12.67 27.96 29.89
CA GLY A 94 -11.71 28.26 28.83
C GLY A 94 -10.25 28.16 29.22
N LYS A 95 -9.96 27.77 30.44
CA LYS A 95 -8.56 27.72 30.91
C LYS A 95 -7.89 26.38 30.63
N THR A 96 -8.65 25.46 30.07
CA THR A 96 -8.18 24.12 29.77
C THR A 96 -8.65 23.77 28.38
N ALA A 97 -7.87 22.97 27.67
CA ALA A 97 -8.31 22.39 26.41
C ALA A 97 -9.57 21.50 26.53
N ILE A 98 -10.40 21.55 25.49
CA ILE A 98 -11.66 20.82 25.46
C ILE A 98 -11.67 19.86 24.29
N TYR A 99 -11.93 18.59 24.59
CA TYR A 99 -12.02 17.61 23.57
C TYR A 99 -13.48 17.52 23.14
N VAL A 100 -13.66 17.38 21.83
CA VAL A 100 -14.95 17.36 21.18
C VAL A 100 -15.17 16.00 20.54
N LYS A 101 -16.17 15.27 21.01
CA LYS A 101 -16.44 13.90 20.61
C LYS A 101 -17.90 13.74 20.12
N PRO A 102 -18.15 13.91 18.83
CA PRO A 102 -19.46 13.55 18.37
C PRO A 102 -19.59 12.03 18.26
N TYR A 104 -22.47 8.82 16.95
CA TYR A 104 -23.72 8.24 16.48
C TYR A 104 -23.80 6.78 16.94
N TRP A 105 -25.00 6.29 17.19
CA TRP A 105 -25.20 4.91 17.48
C TRP A 105 -26.56 4.39 17.07
N GLY A 106 -26.68 3.09 17.04
CA GLY A 106 -27.93 2.44 16.71
C GLY A 106 -28.72 2.00 17.93
N GLU A 107 -30.05 2.17 17.86
CA GLU A 107 -30.93 1.64 18.91
C GLU A 107 -31.55 0.25 18.60
N HIS A 108 -31.75 -0.07 17.34
CA HIS A 108 -32.48 -1.28 16.97
C HIS A 108 -31.86 -1.99 15.78
N GLY A 109 -32.08 -3.31 15.73
CA GLY A 109 -31.73 -4.11 14.56
C GLY A 109 -32.86 -4.05 13.55
N SER A 110 -32.75 -4.85 12.51
CA SER A 110 -33.72 -4.81 11.41
C SER A 110 -34.19 -6.24 11.08
N TRP A 111 -34.43 -6.56 9.81
CA TRP A 111 -34.84 -7.90 9.40
C TRP A 111 -34.03 -8.99 10.18
N SER A 112 -32.76 -8.73 10.47
CA SER A 112 -31.97 -9.52 11.41
C SER A 112 -31.49 -8.64 12.53
N VAL A 113 -31.50 -9.14 13.73
CA VAL A 113 -31.11 -8.30 14.86
C VAL A 113 -29.65 -7.80 14.75
N VAL A 114 -28.81 -8.58 14.06
CA VAL A 114 -27.38 -8.27 13.97
C VAL A 114 -27.16 -6.97 13.16
N ALA A 115 -27.93 -6.78 12.09
CA ALA A 115 -27.79 -5.60 11.26
C ALA A 115 -28.61 -4.44 11.81
N VAL A 116 -27.95 -3.35 12.14
CA VAL A 116 -28.61 -2.21 12.70
C VAL A 116 -29.64 -1.56 11.71
N ASP A 117 -30.70 -1.04 12.27
CA ASP A 117 -31.68 -0.31 11.49
C ASP A 117 -31.20 1.12 11.41
N PRO A 118 -30.86 1.59 10.19
CA PRO A 118 -30.33 2.96 10.07
C PRO A 118 -31.30 4.01 10.57
N GLU A 119 -32.59 3.79 10.44
CA GLU A 119 -33.56 4.75 10.97
C GLU A 119 -33.49 4.84 12.51
N SER A 120 -32.82 3.91 13.20
CA SER A 120 -32.79 3.96 14.66
C SER A 120 -31.54 4.70 15.17
N THR A 121 -30.82 5.39 14.28
CA THR A 121 -29.63 6.12 14.65
C THR A 121 -29.93 7.31 15.53
N ARG A 122 -29.09 7.51 16.56
CA ARG A 122 -29.19 8.68 17.45
C ARG A 122 -27.82 9.36 17.55
N PHE A 123 -27.82 10.62 18.00
CA PHE A 123 -26.66 11.46 18.01
C PHE A 123 -26.41 12.05 19.39
N ALA A 124 -25.13 12.19 19.74
CA ALA A 124 -24.79 13.03 20.86
C ALA A 124 -23.48 13.69 20.59
N LEU A 125 -23.27 14.88 21.15
CA LEU A 125 -21.97 15.61 21.07
C LEU A 125 -21.44 15.87 22.45
N CYS A 126 -20.37 15.19 22.77
CA CYS A 126 -19.82 15.21 24.11
C CYS A 126 -18.54 16.05 24.16
N LEU A 127 -18.51 17.04 25.03
CA LEU A 127 -17.37 17.92 25.18
C LEU A 127 -16.84 17.73 26.56
N PHE A 128 -15.52 17.55 26.69
CA PHE A 128 -14.94 17.35 28.02
C PHE A 128 -13.56 17.94 28.15
N GLU A 129 -13.24 18.43 29.32
CA GLU A 129 -11.88 18.99 29.52
C GLU A 129 -10.80 17.92 29.48
N ALA A 130 -9.62 18.29 28.98
CA ALA A 130 -8.48 17.40 28.82
C ALA A 130 -7.79 17.05 30.14
N PRO A 131 -7.54 15.75 30.43
CA PRO A 131 -6.67 15.37 31.56
C PRO A 131 -5.22 15.21 31.14
N ALA A 137 7.06 16.10 25.28
CA ALA A 137 7.71 14.99 25.96
C ALA A 137 7.78 13.80 25.00
N GLY A 138 8.99 13.32 24.70
CA GLY A 138 9.20 12.15 23.82
C GLY A 138 8.68 10.78 24.33
N SER A 139 8.19 9.96 23.42
CA SER A 139 7.66 8.68 23.77
C SER A 139 8.47 7.48 23.15
N SER A 140 8.17 6.27 23.59
CA SER A 140 8.92 5.08 23.20
C SER A 140 8.03 4.09 22.50
N LEU A 141 8.59 3.46 21.47
CA LEU A 141 7.85 2.55 20.62
C LEU A 141 8.55 1.23 20.52
N THR A 142 7.77 0.16 20.40
CA THR A 142 8.24 -1.14 20.07
C THR A 142 7.46 -1.66 18.85
N LEU A 143 7.65 -2.93 18.50
CA LEU A 143 6.88 -3.56 17.39
C LEU A 143 5.82 -4.44 18.01
N SER A 144 4.60 -4.32 17.51
CA SER A 144 3.53 -5.12 18.09
C SER A 144 3.46 -6.51 17.48
N PRO A 145 3.14 -7.51 18.29
CA PRO A 145 2.88 -8.81 17.72
C PRO A 145 1.46 -8.86 17.11
N PHE A 146 0.61 -7.87 17.41
CA PHE A 146 -0.68 -7.78 16.74
C PHE A 146 -0.63 -7.07 15.37
N ARG A 147 -1.71 -7.24 14.61
CA ARG A 147 -1.81 -6.68 13.26
C ARG A 147 -3.07 -5.83 13.15
N ARG A 148 -3.11 -4.97 12.13
CA ARG A 148 -4.30 -4.29 11.75
C ARG A 148 -5.15 -5.28 11.06
N PRO A 149 -6.46 -5.18 11.23
CA PRO A 149 -7.34 -5.90 10.31
C PRO A 149 -7.40 -5.33 8.89
N THR A 150 -8.15 -5.98 8.01
CA THR A 150 -8.31 -5.56 6.66
C THR A 150 -9.78 -5.21 6.41
N LEU A 151 -10.03 -4.45 5.35
CA LEU A 151 -11.36 -4.09 4.96
C LEU A 151 -12.23 -5.33 4.67
N GLU A 152 -11.62 -6.44 4.28
CA GLU A 152 -12.36 -7.68 4.08
C GLU A 152 -12.88 -8.37 5.33
N CYS A 153 -12.27 -8.12 6.48
CA CYS A 153 -12.69 -8.75 7.72
C CYS A 153 -13.27 -7.75 8.76
N PRO A 155 -14.87 -3.39 9.10
CA PRO A 155 -15.13 -2.10 8.50
C PRO A 155 -14.14 -1.07 8.97
N THR A 156 -12.95 -1.14 8.40
CA THR A 156 -11.83 -0.22 8.67
C THR A 156 -12.00 1.17 8.05
N ASP A 157 -13.02 1.27 7.24
CA ASP A 157 -13.68 2.43 6.68
C ASP A 157 -14.23 3.47 7.67
N ALA A 158 -14.50 3.03 8.90
CA ALA A 158 -15.24 3.81 9.90
C ALA A 158 -14.38 4.02 11.15
N ALA A 160 -14.75 3.72 14.42
CA ALA A 160 -15.78 2.98 15.09
C ALA A 160 -15.19 2.30 16.32
N GLY A 161 -15.96 2.34 17.41
CA GLY A 161 -15.53 1.67 18.64
C GLY A 161 -15.13 0.21 18.46
N CYS A 162 -15.81 -0.51 17.58
CA CYS A 162 -15.52 -1.92 17.37
C CYS A 162 -14.03 -2.19 16.97
N LEU A 163 -13.30 -1.19 16.46
CA LEU A 163 -11.93 -1.43 16.11
C LEU A 163 -10.95 -1.34 17.25
N TYR A 164 -11.38 -0.72 18.35
CA TYR A 164 -10.47 -0.27 19.35
C TYR A 164 -10.05 -1.29 20.36
N PRO A 165 -10.86 -2.31 20.59
CA PRO A 165 -10.29 -3.37 21.49
C PRO A 165 -8.99 -3.99 20.98
N ASN A 166 -8.75 -3.99 19.67
CA ASN A 166 -7.47 -4.45 19.20
C ASN A 166 -6.36 -3.46 19.59
N ASN A 167 -6.63 -2.16 19.49
CA ASN A 167 -5.70 -1.16 20.01
C ASN A 167 -5.48 -1.25 21.50
N ALA A 168 -6.48 -1.66 22.27
CA ALA A 168 -6.29 -1.89 23.68
C ALA A 168 -5.26 -3.01 23.98
N ARG A 169 -5.30 -4.09 23.21
CA ARG A 169 -4.32 -5.19 23.34
C ARG A 169 -2.94 -4.75 22.97
N ILE A 170 -2.85 -4.02 21.87
CA ILE A 170 -1.59 -3.51 21.36
C ILE A 170 -0.86 -2.65 22.41
N LEU A 171 -1.60 -1.70 22.94
CA LEU A 171 -1.06 -0.77 23.93
C LEU A 171 -0.69 -1.48 25.22
N ASN A 172 -1.55 -2.39 25.69
CA ASN A 172 -1.24 -3.11 26.90
C ASN A 172 -0.08 -4.04 26.75
N GLU A 173 0.04 -4.73 25.62
CA GLU A 173 1.17 -5.62 25.52
C GLU A 173 2.50 -4.84 25.37
N ALA A 174 2.48 -3.68 24.72
CA ALA A 174 3.62 -2.80 24.65
C ALA A 174 4.03 -2.26 26.02
N ARG A 175 3.03 -1.89 26.82
CA ARG A 175 3.28 -1.45 28.17
C ARG A 175 3.86 -2.58 29.03
N SER A 176 3.39 -3.81 28.83
CA SER A 176 3.89 -4.93 29.60
C SER A 176 5.37 -5.12 29.32
N ARG A 177 5.86 -4.58 28.22
CA ARG A 177 7.30 -4.65 27.89
C ARG A 177 8.06 -3.34 28.10
N GLY A 178 7.42 -2.34 28.73
CA GLY A 178 8.09 -1.08 29.09
C GLY A 178 8.02 0.05 28.06
N PHE A 179 7.11 -0.03 27.09
CA PHE A 179 6.92 1.01 26.08
C PHE A 179 5.58 1.78 26.21
N ASP A 180 5.56 2.99 25.70
CA ASP A 180 4.34 3.80 25.68
C ASP A 180 3.37 3.35 24.59
N ASN A 181 3.92 2.84 23.47
CA ASN A 181 3.14 2.50 22.32
C ASN A 181 3.91 1.51 21.44
N ALA A 182 3.35 1.16 20.29
CA ALA A 182 3.94 0.15 19.44
C ALA A 182 3.58 0.45 18.02
N LEU A 183 4.45 0.05 17.10
CA LEU A 183 4.11 0.07 15.69
C LEU A 183 3.33 -1.15 15.37
N VAL A 184 2.38 -0.97 14.47
CA VAL A 184 1.48 -2.05 14.10
C VAL A 184 1.50 -2.30 12.61
N ARG A 185 1.73 -3.54 12.23
CA ARG A 185 1.83 -3.93 10.84
C ARG A 185 0.47 -4.27 10.30
N ASP A 186 0.34 -4.14 8.99
CA ASP A 186 -0.80 -4.73 8.33
C ASP A 186 -0.51 -6.23 8.11
N LEU A 188 0.26 -7.67 5.43
CA LEU A 188 1.32 -7.92 4.48
C LEU A 188 2.69 -7.72 5.12
N GLY A 189 2.74 -7.32 6.39
CA GLY A 189 4.04 -7.17 7.07
C GLY A 189 4.57 -5.75 7.10
N ASN A 190 3.90 -4.85 6.38
CA ASN A 190 4.27 -3.43 6.32
C ASN A 190 3.70 -2.68 7.49
N ILE A 191 4.46 -1.73 8.01
CA ILE A 191 4.01 -0.87 9.10
C ILE A 191 2.86 -0.02 8.63
N ALA A 192 1.80 0.02 9.42
CA ALA A 192 0.59 0.81 9.12
C ALA A 192 0.54 2.08 9.95
N GLU A 193 0.68 1.95 11.25
CA GLU A 193 0.52 3.06 12.18
C GLU A 193 0.94 2.62 13.58
N THR A 194 0.65 3.40 14.61
CA THR A 194 0.87 2.95 16.00
C THR A 194 -0.48 2.49 16.59
N GLY A 195 -0.44 2.15 17.87
CA GLY A 195 -1.63 1.76 18.62
C GLY A 195 -2.66 2.90 18.77
N SER A 196 -2.25 4.15 18.55
CA SER A 196 -3.15 5.27 18.76
C SER A 196 -2.99 6.50 17.81
N SER A 197 -2.23 6.36 16.75
CA SER A 197 -1.91 7.48 15.85
C SER A 197 -1.19 7.05 14.58
N ASN A 198 -1.10 7.98 13.63
CA ASN A 198 -0.38 7.78 12.38
C ASN A 198 1.13 8.00 12.68
N ILE A 199 1.99 7.51 11.81
CA ILE A 199 3.43 7.49 12.06
C ILE A 199 4.11 8.05 10.84
N PHE A 200 5.21 8.73 11.13
CA PHE A 200 6.06 9.38 10.15
C PHE A 200 7.51 9.12 10.51
N VAL A 202 11.71 10.27 9.16
CA VAL A 202 12.58 11.12 8.39
C VAL A 202 13.91 10.41 8.21
N LYS A 203 14.38 10.43 6.97
CA LYS A 203 15.66 9.87 6.61
C LYS A 203 16.32 10.75 5.55
N ASP A 204 17.52 11.26 5.85
CA ASP A 204 18.29 12.16 4.93
C ASP A 204 17.46 13.31 4.42
N GLY A 205 16.73 14.00 5.33
CA GLY A 205 15.93 15.21 4.99
C GLY A 205 14.57 14.94 4.36
N VAL A 206 14.31 13.67 4.00
CA VAL A 206 13.05 13.28 3.36
C VAL A 206 12.04 12.67 4.38
N VAL A 207 10.76 13.09 4.27
CA VAL A 207 9.72 12.58 5.13
C VAL A 207 8.92 11.45 4.45
N PHE A 208 8.78 10.35 5.18
CA PHE A 208 8.09 9.13 4.73
C PHE A 208 6.95 8.83 5.69
N THR A 209 5.86 8.29 5.15
CA THR A 209 4.73 7.84 5.99
C THR A 209 4.07 6.66 5.24
N PRO A 210 3.54 5.68 5.99
CA PRO A 210 2.85 4.56 5.34
C PRO A 210 1.73 5.03 4.45
N ALA A 211 1.67 4.43 3.28
CA ALA A 211 0.66 4.74 2.28
C ALA A 211 -0.68 4.27 2.80
N ALA A 212 -1.74 5.01 2.52
CA ALA A 212 -3.08 4.66 2.93
C ALA A 212 -3.59 3.45 2.18
N ASN A 213 -3.96 2.38 2.88
CA ASN A 213 -4.34 1.11 2.21
C ASN A 213 -5.65 0.47 2.71
N ARG A 214 -6.45 1.26 3.41
CA ARG A 214 -7.73 0.81 4.01
C ARG A 214 -7.60 -0.21 5.16
N THR A 215 -6.43 -0.33 5.76
CA THR A 215 -6.31 -1.11 6.99
C THR A 215 -6.25 -0.17 8.21
N PHE A 216 -6.16 1.12 7.97
CA PHE A 216 -6.04 2.08 9.03
C PHE A 216 -6.56 3.40 8.55
N LEU A 217 -6.88 4.28 9.50
CA LEU A 217 -7.37 5.61 9.17
C LEU A 217 -6.25 6.52 8.76
N ALA A 218 -6.34 7.04 7.54
CA ALA A 218 -5.43 8.04 7.05
C ALA A 218 -5.95 9.30 7.72
N GLY A 219 -5.26 9.80 8.75
CA GLY A 219 -5.78 10.85 9.60
C GLY A 219 -6.00 12.20 8.96
N ILE A 220 -6.84 13.00 9.61
CA ILE A 220 -6.98 14.39 9.30
C ILE A 220 -5.72 15.22 9.69
N THR A 221 -5.15 14.98 10.85
CA THR A 221 -3.89 15.61 11.26
C THR A 221 -2.72 15.20 10.31
N ARG A 222 -2.63 13.91 10.00
CA ARG A 222 -1.67 13.41 9.04
C ARG A 222 -1.71 14.19 7.75
N SER A 223 -2.91 14.38 7.23
CA SER A 223 -3.09 15.01 5.93
C SER A 223 -2.68 16.49 5.99
N ARG A 224 -3.08 17.16 7.06
CA ARG A 224 -2.66 18.53 7.29
C ARG A 224 -1.14 18.69 7.36
N VAL A 225 -0.50 17.78 8.10
CA VAL A 225 0.93 17.87 8.36
C VAL A 225 1.63 17.64 7.05
N GLY A 227 0.56 18.21 4.07
CA GLY A 227 0.37 19.35 3.21
C GLY A 227 1.23 20.51 3.63
N LEU A 228 1.31 20.74 4.96
CA LEU A 228 2.13 21.82 5.49
C LEU A 228 3.58 21.62 5.15
N LEU A 229 4.12 20.44 5.39
CA LEU A 229 5.53 20.17 5.08
C LEU A 229 5.83 20.30 3.60
N SER A 230 4.93 19.82 2.73
CA SER A 230 5.10 20.02 1.28
C SER A 230 5.18 21.49 0.92
N GLU A 231 4.24 22.27 1.44
CA GLU A 231 4.22 23.68 1.10
C GLU A 231 5.46 24.40 1.64
N ALA A 232 6.14 23.85 2.64
CA ALA A 232 7.39 24.41 3.17
C ALA A 232 8.63 23.86 2.45
N GLY A 233 8.42 23.09 1.38
CA GLY A 233 9.54 22.61 0.57
C GLY A 233 10.13 21.26 0.93
N PHE A 234 9.50 20.50 1.82
CA PHE A 234 9.97 19.15 2.06
C PHE A 234 9.47 18.16 1.01
N GLU A 235 10.26 17.12 0.79
CA GLU A 235 9.77 15.96 0.11
C GLU A 235 9.03 15.08 1.12
N VAL A 236 7.78 14.75 0.80
CA VAL A 236 6.94 13.93 1.63
C VAL A 236 6.45 12.73 0.82
N ILE A 237 6.83 11.54 1.24
CA ILE A 237 6.57 10.37 0.47
C ILE A 237 5.71 9.36 1.26
N GLU A 238 4.56 9.02 0.66
CA GLU A 238 3.72 7.94 1.13
C GLU A 238 4.25 6.68 0.47
N THR A 239 4.64 5.66 1.24
CA THR A 239 5.15 4.43 0.64
C THR A 239 4.87 3.23 1.55
N SER A 240 5.41 2.07 1.20
CA SER A 240 5.39 0.89 2.08
C SER A 240 6.64 0.87 2.93
N LEU A 241 6.48 0.90 4.25
CA LEU A 241 7.62 0.88 5.12
C LEU A 241 7.65 -0.39 5.93
N THR A 242 8.84 -0.82 6.31
CA THR A 242 8.98 -1.95 7.18
C THR A 242 9.67 -1.47 8.42
N ALA A 244 12.57 -2.41 9.29
CA ALA A 244 13.95 -2.09 8.98
C ALA A 244 14.07 -0.60 8.65
N ASP A 245 13.16 -0.07 7.85
CA ASP A 245 13.17 1.36 7.57
C ASP A 245 13.15 2.23 8.81
N PHE A 246 12.36 1.85 9.80
CA PHE A 246 12.26 2.61 11.03
C PHE A 246 13.49 2.49 11.91
N GLU A 247 14.08 1.29 11.96
CA GLU A 247 15.34 1.07 12.66
C GLU A 247 16.46 1.92 12.12
N GLY A 248 16.37 2.30 10.83
CA GLY A 248 17.37 3.19 10.20
C GLY A 248 17.04 4.68 10.14
N ALA A 249 15.96 5.13 10.77
CA ALA A 249 15.50 6.51 10.55
C ALA A 249 16.28 7.53 11.39
N ASP A 250 16.44 8.74 10.88
CA ASP A 250 17.01 9.82 11.65
C ASP A 250 16.02 10.39 12.73
N GLU A 251 14.75 10.56 12.37
CA GLU A 251 13.69 10.99 13.29
C GLU A 251 12.43 10.15 13.06
N ILE A 252 11.60 10.06 14.08
CA ILE A 252 10.32 9.46 13.98
C ILE A 252 9.36 10.34 14.77
N PHE A 253 8.13 10.48 14.31
CA PHE A 253 7.16 11.25 15.03
C PHE A 253 5.74 10.84 14.66
N THR A 254 4.78 11.17 15.53
CA THR A 254 3.40 10.76 15.35
C THR A 254 2.48 11.94 15.11
N SER A 255 1.31 11.64 14.52
CA SER A 255 0.25 12.61 14.40
C SER A 255 -1.11 12.00 14.75
N GLY A 256 -1.97 12.79 15.37
CA GLY A 256 -3.31 12.34 15.79
C GLY A 256 -3.43 12.73 17.23
N ASN A 257 -4.04 11.87 18.02
CA ASN A 257 -4.20 12.11 19.47
C ASN A 257 -4.79 13.47 19.76
N TYR A 258 -5.83 13.83 19.01
CA TYR A 258 -6.49 15.12 19.08
C TYR A 258 -5.55 16.22 18.55
N SER A 259 -5.13 16.10 17.30
CA SER A 259 -4.39 17.19 16.60
C SER A 259 -3.05 17.55 17.24
N LYS A 260 -2.19 16.55 17.44
CA LYS A 260 -0.87 16.74 18.00
C LYS A 260 0.13 16.06 17.13
N VAL A 261 1.34 16.58 17.20
CA VAL A 261 2.46 16.07 16.47
C VAL A 261 3.53 15.85 17.53
N LEU A 262 3.89 14.62 17.80
CA LEU A 262 4.71 14.28 18.95
C LEU A 262 5.93 13.47 18.55
N PRO A 263 7.09 13.80 19.14
CA PRO A 263 8.31 13.11 18.80
C PRO A 263 8.39 11.74 19.44
N VAL A 264 9.06 10.81 18.76
CA VAL A 264 9.40 9.52 19.32
C VAL A 264 10.91 9.53 19.59
N THR A 265 11.26 9.24 20.83
CA THR A 265 12.64 9.30 21.30
C THR A 265 13.25 7.96 21.63
N ARG A 266 12.47 6.89 21.51
CA ARG A 266 13.01 5.53 21.65
C ARG A 266 12.27 4.58 20.71
N LEU A 267 13.04 3.81 19.96
CA LEU A 267 12.54 2.71 19.16
C LEU A 267 13.24 1.43 19.61
N GLU A 268 12.49 0.50 20.18
CA GLU A 268 13.10 -0.67 20.84
C GLU A 268 14.19 -0.23 21.83
N GLN A 269 15.44 -0.58 21.59
CA GLN A 269 16.55 -0.26 22.51
C GLN A 269 17.28 1.02 22.12
N ARG A 270 17.07 1.46 20.90
CA ARG A 270 17.75 2.59 20.33
C ARG A 270 17.13 3.94 20.74
N GLU A 271 17.93 4.82 21.27
CA GLU A 271 17.49 6.17 21.58
C GLU A 271 17.70 7.14 20.38
N LEU A 272 16.78 8.08 20.24
CA LEU A 272 16.81 9.08 19.18
C LEU A 272 16.60 10.41 19.82
N GLN A 273 17.21 11.39 19.22
CA GLN A 273 16.89 12.76 19.54
C GLN A 273 15.53 13.13 18.95
N ALA A 274 14.81 14.02 19.65
CA ALA A 274 13.71 14.74 19.04
C ALA A 274 14.33 15.64 17.99
N GLY A 275 13.85 15.53 16.76
CA GLY A 275 14.59 16.12 15.67
C GLY A 275 14.03 17.42 15.07
N PRO A 276 14.82 18.01 14.17
CA PRO A 276 14.51 19.32 13.63
C PRO A 276 13.26 19.32 12.76
N VAL A 277 13.13 18.34 11.90
CA VAL A 277 11.94 18.25 11.04
C VAL A 277 10.66 18.08 11.86
N THR A 278 10.78 17.41 12.97
CA THR A 278 9.65 17.24 13.84
C THR A 278 9.27 18.55 14.50
N ALA A 279 10.26 19.30 14.96
CA ALA A 279 10.01 20.63 15.51
C ALA A 279 9.38 21.53 14.43
N LYS A 280 9.84 21.40 13.21
CA LYS A 280 9.36 22.24 12.16
C LYS A 280 7.92 21.92 11.84
N ALA A 281 7.63 20.62 11.87
CA ALA A 281 6.26 20.17 11.64
C ALA A 281 5.35 20.72 12.72
N ARG A 282 5.81 20.66 13.98
CA ARG A 282 5.07 21.31 15.06
C ARG A 282 4.88 22.82 14.89
N ASP A 283 5.92 23.57 14.54
CA ASP A 283 5.77 25.05 14.35
C ASP A 283 4.83 25.36 13.18
N LEU A 284 4.94 24.63 12.07
CA LEU A 284 4.02 24.84 10.97
C LEU A 284 2.56 24.59 11.31
N TYR A 285 2.34 23.54 12.10
CA TYR A 285 0.96 23.22 12.49
C TYR A 285 0.36 24.34 13.29
N ASP A 287 1.39 27.54 13.50
CA ASP A 287 1.23 28.81 12.75
C ASP A 287 0.00 28.66 11.88
N TRP A 288 -0.21 27.49 11.28
CA TRP A 288 -1.39 27.30 10.43
C TRP A 288 -2.69 27.39 11.24
N ALA A 289 -2.70 26.74 12.38
CA ALA A 289 -3.87 26.71 13.23
C ALA A 289 -4.29 28.07 13.84
N HIS A 290 -3.30 28.91 14.18
CA HIS A 290 -3.49 30.30 14.68
C HIS A 290 -3.77 31.37 13.58
N ALA A 291 -3.37 31.08 12.34
CA ALA A 291 -3.81 31.86 11.20
C ALA A 291 -5.24 31.52 10.90
N ALA B 4 7.05 -39.35 -26.84
CA ALA B 4 8.25 -38.68 -26.29
C ALA B 4 7.99 -37.23 -26.58
N VAL B 5 8.40 -36.44 -25.62
CA VAL B 5 8.32 -35.00 -25.71
C VAL B 5 9.49 -34.46 -26.51
N ASP B 6 9.22 -33.66 -27.52
CA ASP B 6 10.25 -32.95 -28.29
C ASP B 6 10.74 -31.69 -27.53
N THR B 7 11.98 -31.71 -27.09
CA THR B 7 12.51 -30.61 -26.29
C THR B 7 13.17 -29.47 -27.06
N SER B 8 13.20 -29.51 -28.37
CA SER B 8 13.76 -28.38 -29.08
C SER B 8 12.90 -27.13 -28.96
N PRO B 9 13.54 -26.00 -29.16
CA PRO B 9 12.83 -24.75 -28.99
C PRO B 9 11.75 -24.52 -30.08
N ARG B 10 10.76 -23.70 -29.78
CA ARG B 10 9.73 -23.33 -30.74
C ARG B 10 10.22 -22.30 -31.74
N SER B 11 11.36 -21.67 -31.49
CA SER B 11 11.91 -20.67 -32.40
C SER B 11 13.42 -20.62 -32.27
N THR B 12 14.07 -19.95 -33.19
CA THR B 12 15.51 -19.83 -33.15
C THR B 12 16.00 -19.29 -31.82
N THR B 13 17.02 -19.95 -31.28
CA THR B 13 17.49 -19.68 -29.93
C THR B 13 19.00 -19.79 -29.87
N TRP B 14 19.62 -18.84 -29.17
CA TRP B 14 21.06 -18.84 -28.92
C TRP B 14 21.26 -18.48 -27.48
N THR B 15 22.07 -19.26 -26.78
CA THR B 15 22.27 -19.08 -25.36
C THR B 15 23.73 -19.02 -24.97
N PHE B 16 24.11 -18.00 -24.19
CA PHE B 16 25.49 -17.90 -23.76
C PHE B 16 25.62 -18.58 -22.39
N VAL B 17 26.51 -19.53 -22.32
CA VAL B 17 26.74 -20.27 -21.12
C VAL B 17 28.12 -20.86 -21.13
N ASP B 18 28.81 -20.74 -20.01
CA ASP B 18 30.14 -21.29 -19.80
C ASP B 18 31.04 -20.93 -20.94
N GLY B 19 31.04 -19.65 -21.27
CA GLY B 19 31.94 -19.11 -22.27
C GLY B 19 31.58 -19.35 -23.72
N GLU B 20 30.47 -20.01 -24.00
CA GLU B 20 30.11 -20.30 -25.40
C GLU B 20 28.67 -19.94 -25.75
N TRP B 21 28.45 -19.70 -27.02
CA TRP B 21 27.11 -19.53 -27.58
C TRP B 21 26.63 -20.82 -28.22
N LEU B 22 25.46 -21.26 -27.76
CA LEU B 22 24.87 -22.55 -28.13
C LEU B 22 23.50 -22.37 -28.72
N ALA B 23 23.25 -23.13 -29.77
CA ALA B 23 21.97 -23.12 -30.47
C ALA B 23 21.04 -24.15 -29.84
N GLY B 24 19.74 -23.97 -30.02
CA GLY B 24 18.79 -24.99 -29.57
C GLY B 24 18.49 -24.86 -28.09
N ASN B 25 18.13 -26.00 -27.49
CA ASN B 25 17.84 -26.10 -26.10
C ASN B 25 18.82 -27.11 -25.49
N PRO B 26 20.11 -26.73 -25.37
CA PRO B 26 21.11 -27.60 -24.75
C PRO B 26 20.84 -27.84 -23.27
N PRO B 27 20.91 -29.08 -22.83
CA PRO B 27 20.63 -29.32 -21.40
C PRO B 27 21.72 -28.76 -20.51
N LEU B 28 21.32 -28.01 -19.49
CA LEU B 28 22.24 -27.40 -18.53
C LEU B 28 22.12 -27.92 -17.11
N ILE B 29 20.91 -28.35 -16.74
CA ILE B 29 20.59 -28.68 -15.36
C ILE B 29 20.23 -30.15 -15.26
N GLY B 30 20.79 -30.81 -14.27
CA GLY B 30 20.50 -32.22 -14.05
C GLY B 30 19.72 -32.54 -12.77
N PRO B 31 19.50 -33.83 -12.52
CA PRO B 31 18.63 -34.27 -11.45
C PRO B 31 19.17 -34.04 -10.04
N THR B 32 20.50 -33.85 -9.89
CA THR B 32 21.08 -33.44 -8.61
C THR B 32 21.41 -31.95 -8.57
N SER B 33 21.09 -31.23 -9.64
CA SER B 33 21.18 -29.79 -9.60
C SER B 33 20.08 -29.24 -8.66
N HIS B 34 20.46 -28.38 -7.72
CA HIS B 34 19.56 -27.86 -6.75
C HIS B 34 18.37 -27.19 -7.41
N ALA B 35 18.63 -26.39 -8.43
CA ALA B 35 17.59 -25.71 -9.18
C ALA B 35 16.55 -26.63 -9.83
N TRP B 37 14.93 -29.25 -8.47
CA TRP B 37 13.85 -29.68 -7.57
C TRP B 37 13.50 -28.75 -6.44
N LEU B 38 14.39 -27.79 -6.11
CA LEU B 38 14.19 -26.92 -4.98
C LEU B 38 14.10 -25.43 -5.34
N GLY B 39 13.87 -25.11 -6.58
CA GLY B 39 13.41 -23.79 -6.93
C GLY B 39 14.40 -22.64 -6.94
N SER B 40 15.71 -22.87 -7.04
CA SER B 40 16.66 -21.73 -6.94
C SER B 40 17.00 -21.11 -8.32
N THR B 41 16.02 -20.47 -8.96
CA THR B 41 16.19 -19.84 -10.24
C THR B 41 15.65 -18.42 -10.32
N VAL B 42 16.26 -17.59 -11.15
CA VAL B 42 15.77 -16.22 -11.32
C VAL B 42 16.06 -15.85 -12.74
N PHE B 43 15.29 -14.91 -13.28
CA PHE B 43 15.48 -14.56 -14.64
C PHE B 43 14.99 -13.13 -14.75
N ASP B 44 15.23 -12.54 -15.93
CA ASP B 44 14.61 -11.31 -16.31
C ASP B 44 14.35 -11.37 -17.78
N GLY B 45 13.72 -10.35 -18.31
CA GLY B 45 13.29 -10.35 -19.72
C GLY B 45 13.36 -8.95 -20.32
N ALA B 46 13.94 -8.84 -21.51
CA ALA B 46 13.95 -7.63 -22.27
C ALA B 46 13.76 -8.00 -23.73
N ARG B 47 13.56 -7.00 -24.58
CA ARG B 47 13.11 -7.23 -25.93
C ARG B 47 13.97 -6.37 -26.83
N TRP B 48 14.49 -6.95 -27.91
CA TRP B 48 15.23 -6.24 -28.93
C TRP B 48 14.47 -6.28 -30.26
N PHE B 49 14.44 -5.14 -30.96
CA PHE B 49 13.92 -5.02 -32.31
C PHE B 49 14.47 -3.75 -32.97
N ASP B 50 14.97 -3.84 -34.20
CA ASP B 50 15.49 -2.67 -34.96
C ASP B 50 16.61 -1.95 -34.18
N GLY B 51 17.51 -2.70 -33.55
CA GLY B 51 18.54 -2.15 -32.64
C GLY B 51 18.05 -1.53 -31.30
N ILE B 52 16.75 -1.55 -31.06
CA ILE B 52 16.15 -0.96 -29.86
C ILE B 52 15.93 -2.03 -28.82
N ALA B 53 16.54 -1.87 -27.63
CA ALA B 53 16.26 -2.72 -26.47
C ALA B 53 15.94 -1.89 -25.23
N PRO B 54 14.68 -1.52 -25.04
CA PRO B 54 14.27 -0.57 -24.03
C PRO B 54 14.69 -0.94 -22.60
N ASP B 55 15.38 -0.04 -21.90
CA ASP B 55 15.81 -0.28 -20.50
C ASP B 55 16.52 -1.62 -20.27
N LEU B 56 17.11 -2.16 -21.33
CA LEU B 56 17.94 -3.30 -21.20
C LEU B 56 18.85 -3.20 -20.01
N ASP B 57 19.47 -2.05 -19.76
CA ASP B 57 20.42 -1.94 -18.66
C ASP B 57 19.77 -2.16 -17.27
N LEU B 58 18.53 -1.67 -17.13
CA LEU B 58 17.79 -1.84 -15.89
C LEU B 58 17.37 -3.29 -15.70
N HIS B 59 17.04 -3.98 -16.79
CA HIS B 59 16.69 -5.39 -16.65
C HIS B 59 17.92 -6.22 -16.23
N CYS B 60 19.10 -5.86 -16.73
CA CYS B 60 20.34 -6.55 -16.36
C CYS B 60 20.74 -6.27 -14.92
N GLN B 61 20.47 -5.06 -14.43
CA GLN B 61 20.66 -4.80 -13.00
C GLN B 61 19.67 -5.57 -12.16
N ARG B 62 18.42 -5.66 -12.61
CA ARG B 62 17.41 -6.33 -11.78
C ARG B 62 17.68 -7.81 -11.62
N VAL B 63 18.16 -8.48 -12.66
CA VAL B 63 18.38 -9.92 -12.54
C VAL B 63 19.45 -10.19 -11.47
N ASN B 64 20.43 -9.32 -11.36
CA ASN B 64 21.37 -9.38 -10.27
C ASN B 64 20.75 -9.13 -8.90
N ARG B 65 19.83 -8.18 -8.77
CA ARG B 65 19.19 -7.96 -7.48
C ARG B 65 18.30 -9.16 -7.13
N SER B 66 17.59 -9.68 -8.13
CA SER B 66 16.76 -10.85 -7.97
C SER B 66 17.58 -12.00 -7.41
N ALA B 67 18.78 -12.17 -7.96
CA ALA B 67 19.64 -13.23 -7.53
C ALA B 67 20.05 -13.04 -6.09
N GLU B 68 20.44 -11.84 -5.71
CA GLU B 68 20.83 -11.62 -4.31
C GLU B 68 19.67 -11.92 -3.43
N ALA B 69 18.47 -11.52 -3.87
CA ALA B 69 17.27 -11.64 -3.07
C ALA B 69 16.84 -13.06 -2.81
N LEU B 70 17.22 -13.97 -3.73
CA LEU B 70 16.90 -15.38 -3.59
C LEU B 70 18.09 -16.17 -3.03
N GLY B 71 19.18 -15.53 -2.62
CA GLY B 71 20.28 -16.22 -1.95
C GLY B 71 21.34 -16.75 -2.91
N LEU B 72 21.26 -16.31 -4.15
CA LEU B 72 22.27 -16.60 -5.16
C LEU B 72 23.29 -15.49 -5.18
N LYS B 73 24.43 -15.74 -5.78
CA LYS B 73 25.48 -14.74 -5.84
C LYS B 73 25.72 -14.40 -7.32
N PRO B 74 25.27 -13.21 -7.77
CA PRO B 74 25.40 -12.87 -9.18
C PRO B 74 26.84 -12.90 -9.68
N THR B 75 27.12 -13.69 -10.71
CA THR B 75 28.50 -13.85 -11.22
C THR B 75 28.89 -12.86 -12.32
N SER B 77 28.63 -8.88 -13.91
CA SER B 77 28.20 -7.51 -13.77
C SER B 77 27.08 -7.21 -14.76
N ALA B 78 26.26 -6.22 -14.46
CA ALA B 78 25.21 -5.80 -15.38
C ALA B 78 25.77 -5.36 -16.76
N GLU B 79 26.95 -4.76 -16.79
CA GLU B 79 27.56 -4.30 -18.06
C GLU B 79 27.95 -5.49 -18.91
N GLU B 80 28.49 -6.52 -18.28
CA GLU B 80 28.85 -7.74 -19.02
C GLU B 80 27.61 -8.38 -19.64
N ILE B 81 26.54 -8.46 -18.88
CA ILE B 81 25.32 -9.03 -19.40
C ILE B 81 24.79 -8.24 -20.59
N GLU B 82 24.75 -6.91 -20.47
CA GLU B 82 24.39 -6.01 -21.60
C GLU B 82 25.29 -6.27 -22.78
N GLY B 83 26.60 -6.31 -22.53
CA GLY B 83 27.60 -6.55 -23.58
C GLY B 83 27.28 -7.84 -24.32
N LEU B 84 27.01 -8.91 -23.57
CA LEU B 84 26.73 -10.19 -24.22
C LEU B 84 25.44 -10.15 -25.01
N ALA B 85 24.44 -9.44 -24.49
CA ALA B 85 23.19 -9.30 -25.23
C ALA B 85 23.39 -8.66 -26.61
N TRP B 86 24.19 -7.61 -26.71
CA TRP B 86 24.42 -6.95 -27.99
C TRP B 86 25.22 -7.81 -28.94
N GLU B 87 26.18 -8.57 -28.40
CA GLU B 87 26.92 -9.55 -29.22
C GLU B 87 26.01 -10.70 -29.72
N GLY B 88 25.16 -11.21 -28.85
CA GLY B 88 24.28 -12.31 -29.16
C GLY B 88 23.26 -11.98 -30.21
N VAL B 89 22.78 -10.75 -30.18
CA VAL B 89 21.77 -10.32 -31.15
C VAL B 89 22.27 -10.38 -32.62
N LYS B 90 23.60 -10.32 -32.82
CA LYS B 90 24.20 -10.36 -34.14
C LYS B 90 24.17 -11.75 -34.77
N LYS B 91 23.78 -12.77 -34.03
CA LYS B 91 23.72 -14.10 -34.58
C LYS B 91 22.40 -14.42 -35.25
N PHE B 92 21.47 -13.48 -35.18
CA PHE B 92 20.14 -13.59 -35.76
C PHE B 92 20.07 -12.68 -36.99
N ASP B 93 19.14 -12.97 -37.90
CA ASP B 93 19.04 -12.18 -39.11
C ASP B 93 18.43 -10.82 -38.85
N GLY B 94 17.81 -10.61 -37.70
CA GLY B 94 17.34 -9.28 -37.34
C GLY B 94 15.95 -8.95 -37.85
N LYS B 95 15.29 -9.90 -38.50
CA LYS B 95 13.96 -9.65 -39.06
C LYS B 95 12.79 -9.92 -38.11
N THR B 96 13.10 -10.45 -36.93
CA THR B 96 12.10 -10.76 -35.92
C THR B 96 12.65 -10.25 -34.60
N ALA B 97 11.75 -9.79 -33.74
CA ALA B 97 12.15 -9.37 -32.38
C ALA B 97 12.78 -10.52 -31.60
N ILE B 98 13.72 -10.16 -30.74
CA ILE B 98 14.45 -11.13 -29.96
C ILE B 98 14.23 -10.88 -28.46
N TYR B 99 13.75 -11.89 -27.74
CA TYR B 99 13.55 -11.75 -26.31
C TYR B 99 14.84 -12.18 -25.64
N VAL B 100 15.24 -11.41 -24.64
CA VAL B 100 16.52 -11.57 -23.94
C VAL B 100 16.24 -11.97 -22.50
N LYS B 101 16.72 -13.13 -22.14
CA LYS B 101 16.40 -13.74 -20.87
C LYS B 101 17.66 -14.15 -20.12
N PRO B 102 18.19 -13.30 -19.27
CA PRO B 102 19.30 -13.76 -18.43
C PRO B 102 18.75 -14.59 -17.29
N TYR B 104 19.98 -16.88 -13.66
CA TYR B 104 20.90 -17.44 -12.68
C TYR B 104 20.21 -18.59 -11.97
N TRP B 105 20.98 -19.60 -11.58
CA TRP B 105 20.45 -20.68 -10.82
C TRP B 105 21.47 -21.34 -9.92
N GLY B 106 20.98 -22.13 -8.99
CA GLY B 106 21.84 -22.82 -8.06
C GLY B 106 22.10 -24.27 -8.46
N GLU B 107 23.33 -24.73 -8.25
CA GLU B 107 23.63 -26.13 -8.48
C GLU B 107 23.62 -27.03 -7.20
N HIS B 108 23.90 -26.45 -6.04
CA HIS B 108 24.05 -27.23 -4.81
C HIS B 108 23.39 -26.55 -3.65
N GLY B 109 22.98 -27.37 -2.68
CA GLY B 109 22.54 -26.91 -1.38
C GLY B 109 23.74 -26.77 -0.46
N SER B 110 23.49 -26.52 0.82
CA SER B 110 24.52 -26.17 1.77
C SER B 110 24.31 -26.96 3.07
N TRP B 111 24.55 -26.37 4.23
CA TRP B 111 24.34 -27.06 5.52
C TRP B 111 23.02 -27.86 5.52
N SER B 112 21.99 -27.33 4.88
CA SER B 112 20.78 -28.06 4.58
C SER B 112 20.63 -28.08 3.07
N VAL B 113 20.14 -29.18 2.54
CA VAL B 113 20.00 -29.25 1.10
C VAL B 113 18.99 -28.21 0.57
N VAL B 114 18.07 -27.79 1.42
CA VAL B 114 16.98 -26.89 0.98
C VAL B 114 17.53 -25.52 0.65
N ALA B 115 18.50 -25.07 1.41
CA ALA B 115 19.07 -23.75 1.15
C ALA B 115 20.23 -23.82 0.17
N VAL B 116 20.13 -23.06 -0.89
CA VAL B 116 21.11 -23.09 -1.93
C VAL B 116 22.47 -22.55 -1.47
N ASP B 117 23.54 -23.09 -2.02
CA ASP B 117 24.87 -22.59 -1.78
C ASP B 117 25.12 -21.48 -2.78
N PRO B 118 25.30 -20.22 -2.31
CA PRO B 118 25.47 -19.10 -3.25
C PRO B 118 26.71 -19.27 -4.16
N GLU B 119 27.76 -19.90 -3.65
CA GLU B 119 28.92 -20.19 -4.49
C GLU B 119 28.63 -21.19 -5.63
N SER B 120 27.50 -21.88 -5.61
CA SER B 120 27.17 -22.78 -6.69
C SER B 120 26.32 -22.12 -7.79
N THR B 121 26.19 -20.79 -7.78
CA THR B 121 25.40 -20.07 -8.80
C THR B 121 26.04 -20.16 -10.17
N ARG B 122 25.23 -20.37 -11.21
CA ARG B 122 25.67 -20.35 -12.59
C ARG B 122 24.76 -19.39 -13.39
N PHE B 123 25.26 -19.01 -14.57
CA PHE B 123 24.62 -18.05 -15.38
C PHE B 123 24.41 -18.53 -16.80
N ALA B 124 23.32 -18.09 -17.38
CA ALA B 124 23.17 -18.24 -18.82
C ALA B 124 22.36 -17.06 -19.36
N LEU B 125 22.62 -16.70 -20.61
CA LEU B 125 21.86 -15.65 -21.28
C LEU B 125 21.23 -16.20 -22.51
N CYS B 126 19.93 -16.35 -22.46
CA CYS B 126 19.19 -17.00 -23.52
C CYS B 126 18.46 -15.96 -24.38
N LEU B 127 18.72 -15.97 -25.68
CA LEU B 127 18.09 -15.08 -26.65
C LEU B 127 17.26 -15.92 -27.59
N PHE B 128 16.02 -15.53 -27.83
CA PHE B 128 15.18 -16.29 -28.74
C PHE B 128 14.21 -15.41 -29.49
N GLU B 129 13.92 -15.80 -30.72
CA GLU B 129 12.98 -15.04 -31.49
C GLU B 129 11.52 -15.11 -30.97
N ALA B 130 10.77 -14.02 -31.17
CA ALA B 130 9.27 -13.99 -31.10
C ALA B 130 8.57 -14.97 -32.04
N SER B 139 -7.89 -7.15 -25.80
CA SER B 139 -7.46 -7.69 -24.49
C SER B 139 -8.52 -7.60 -23.37
N SER B 140 -8.86 -8.73 -22.73
CA SER B 140 -9.99 -8.79 -21.80
C SER B 140 -9.53 -9.22 -20.42
N LEU B 141 -10.14 -8.64 -19.40
CA LEU B 141 -9.77 -8.92 -18.00
C LEU B 141 -10.97 -9.26 -17.16
N THR B 142 -10.75 -10.13 -16.18
CA THR B 142 -11.74 -10.45 -15.15
C THR B 142 -11.06 -10.27 -13.78
N LEU B 143 -11.75 -10.70 -12.71
CA LEU B 143 -11.20 -10.71 -11.35
C LEU B 143 -10.80 -12.10 -10.96
N SER B 144 -9.58 -12.27 -10.45
CA SER B 144 -9.14 -13.60 -10.10
C SER B 144 -9.61 -14.00 -8.72
N PRO B 145 -10.00 -15.26 -8.55
CA PRO B 145 -10.22 -15.79 -7.21
C PRO B 145 -8.89 -16.00 -6.46
N PHE B 146 -7.77 -16.03 -7.15
CA PHE B 146 -6.48 -16.15 -6.47
C PHE B 146 -5.92 -14.78 -5.97
N ARG B 147 -4.89 -14.86 -5.15
CA ARG B 147 -4.25 -13.70 -4.54
C ARG B 147 -2.76 -13.70 -4.81
N ARG B 148 -2.16 -12.51 -4.70
CA ARG B 148 -0.73 -12.41 -4.62
C ARG B 148 -0.31 -12.90 -3.26
N PRO B 149 0.84 -13.55 -3.18
CA PRO B 149 1.44 -13.80 -1.88
C PRO B 149 2.10 -12.52 -1.30
N THR B 150 2.57 -12.64 -0.08
CA THR B 150 3.19 -11.55 0.62
C THR B 150 4.66 -11.85 0.82
N LEU B 151 5.43 -10.79 1.11
CA LEU B 151 6.84 -10.95 1.42
C LEU B 151 7.09 -11.89 2.60
N GLU B 152 6.12 -11.99 3.50
CA GLU B 152 6.20 -12.93 4.63
C GLU B 152 6.08 -14.42 4.30
N CYS B 153 5.42 -14.76 3.18
CA CYS B 153 5.26 -16.15 2.81
C CYS B 153 5.96 -16.54 1.48
N PRO B 155 9.39 -14.97 -1.26
CA PRO B 155 10.35 -13.95 -1.65
C PRO B 155 9.86 -13.24 -2.90
N THR B 156 8.87 -12.38 -2.70
CA THR B 156 8.27 -11.53 -3.74
C THR B 156 9.21 -10.39 -4.18
N ASP B 157 10.31 -10.22 -3.49
CA ASP B 157 11.33 -9.24 -3.90
C ASP B 157 12.26 -9.75 -5.04
N ALA B 158 12.05 -10.97 -5.55
CA ALA B 158 12.84 -11.53 -6.65
C ALA B 158 11.94 -11.85 -7.84
N ALA B 160 11.52 -14.45 -9.80
CA ALA B 160 11.93 -15.84 -9.62
C ALA B 160 10.86 -16.80 -10.17
N GLY B 161 11.32 -17.85 -10.84
CA GLY B 161 10.43 -18.90 -11.32
C GLY B 161 9.45 -19.45 -10.30
N CYS B 162 9.87 -19.54 -9.03
CA CYS B 162 8.99 -20.06 -7.99
C CYS B 162 7.67 -19.29 -7.81
N LEU B 163 7.60 -18.04 -8.27
CA LEU B 163 6.35 -17.29 -8.13
C LEU B 163 5.35 -17.56 -9.23
N TYR B 164 5.80 -18.12 -10.36
CA TYR B 164 5.00 -18.12 -11.58
C TYR B 164 3.94 -19.22 -11.66
N PRO B 165 4.12 -20.35 -10.96
CA PRO B 165 3.00 -21.28 -11.01
C PRO B 165 1.70 -20.70 -10.45
N ASN B 166 1.76 -19.71 -9.54
CA ASN B 166 0.54 -19.04 -9.13
C ASN B 166 -0.05 -18.23 -10.30
N ASN B 167 0.79 -17.55 -11.04
CA ASN B 167 0.33 -16.90 -12.27
C ASN B 167 -0.23 -17.84 -13.30
N ALA B 168 0.29 -19.04 -13.37
CA ALA B 168 -0.27 -20.02 -14.27
C ALA B 168 -1.74 -20.36 -13.92
N ARG B 169 -2.04 -20.51 -12.65
CA ARG B 169 -3.39 -20.80 -12.19
C ARG B 169 -4.31 -19.67 -12.47
N ILE B 170 -3.80 -18.46 -12.23
CA ILE B 170 -4.57 -17.24 -12.46
C ILE B 170 -4.98 -17.13 -13.92
N LEU B 171 -4.00 -17.31 -14.79
CA LEU B 171 -4.23 -17.15 -16.22
C LEU B 171 -5.13 -18.24 -16.75
N ASN B 172 -4.87 -19.48 -16.32
CA ASN B 172 -5.75 -20.58 -16.72
C ASN B 172 -7.18 -20.48 -16.21
N GLU B 173 -7.37 -20.05 -14.98
CA GLU B 173 -8.70 -19.92 -14.45
C GLU B 173 -9.46 -18.83 -15.23
N ALA B 174 -8.78 -17.74 -15.54
CA ALA B 174 -9.36 -16.65 -16.33
C ALA B 174 -9.74 -17.08 -17.73
N ARG B 175 -8.86 -17.88 -18.33
CA ARG B 175 -9.10 -18.42 -19.65
C ARG B 175 -10.30 -19.34 -19.61
N SER B 176 -10.45 -20.10 -18.51
CA SER B 176 -11.54 -21.04 -18.42
C SER B 176 -12.87 -20.29 -18.44
N ARG B 177 -12.83 -19.00 -18.11
CA ARG B 177 -14.03 -18.20 -18.10
C ARG B 177 -14.12 -17.23 -19.29
N GLY B 178 -13.23 -17.38 -20.28
CA GLY B 178 -13.30 -16.60 -21.49
C GLY B 178 -12.49 -15.32 -21.54
N PHE B 179 -11.55 -15.14 -20.63
CA PHE B 179 -10.71 -13.93 -20.58
C PHE B 179 -9.25 -14.20 -20.92
N ASP B 180 -8.55 -13.16 -21.39
CA ASP B 180 -7.11 -13.24 -21.66
C ASP B 180 -6.27 -13.17 -20.44
N ASN B 181 -6.76 -12.44 -19.44
CA ASN B 181 -6.03 -12.23 -18.20
C ASN B 181 -6.99 -11.84 -17.05
N ALA B 182 -6.45 -11.56 -15.87
CA ALA B 182 -7.25 -11.29 -14.71
C ALA B 182 -6.56 -10.30 -13.82
N LEU B 183 -7.33 -9.49 -13.10
CA LEU B 183 -6.77 -8.68 -12.03
C LEU B 183 -6.63 -9.50 -10.79
N VAL B 184 -5.58 -9.22 -10.06
CA VAL B 184 -5.23 -10.03 -8.93
C VAL B 184 -5.08 -9.15 -7.70
N ARG B 185 -5.80 -9.52 -6.64
CA ARG B 185 -5.74 -8.80 -5.38
C ARG B 185 -4.60 -9.25 -4.49
N ASP B 186 -4.17 -8.36 -3.62
CA ASP B 186 -3.29 -8.78 -2.54
C ASP B 186 -4.17 -9.36 -1.43
N LEU B 188 -4.96 -7.98 1.26
CA LEU B 188 -5.81 -6.96 1.88
C LEU B 188 -7.03 -6.68 1.03
N GLY B 189 -7.14 -7.32 -0.11
CA GLY B 189 -8.32 -7.11 -0.99
C GLY B 189 -8.13 -6.07 -2.06
N ASN B 190 -7.03 -5.34 -2.03
CA ASN B 190 -6.71 -4.33 -3.04
C ASN B 190 -6.09 -4.97 -4.27
N ILE B 191 -6.43 -4.44 -5.43
CA ILE B 191 -5.86 -4.86 -6.69
C ILE B 191 -4.33 -4.58 -6.69
N ALA B 192 -3.55 -5.57 -7.07
CA ALA B 192 -2.10 -5.48 -7.14
C ALA B 192 -1.63 -5.35 -8.61
N GLU B 193 -2.07 -6.26 -9.46
CA GLU B 193 -1.62 -6.28 -10.86
C GLU B 193 -2.47 -7.28 -11.62
N THR B 194 -2.02 -7.73 -12.78
CA THR B 194 -2.68 -8.79 -13.51
C THR B 194 -1.84 -10.06 -13.36
N GLY B 195 -2.29 -11.12 -14.04
CA GLY B 195 -1.57 -12.37 -14.05
C GLY B 195 -0.23 -12.30 -14.74
N SER B 196 0.03 -11.26 -15.51
CA SER B 196 1.30 -11.17 -16.26
C SER B 196 1.87 -9.78 -16.51
N SER B 197 1.41 -8.78 -15.77
CA SER B 197 1.80 -7.42 -15.99
C SER B 197 1.28 -6.47 -14.92
N ASN B 198 1.81 -5.27 -14.90
CA ASN B 198 1.29 -4.21 -14.05
C ASN B 198 0.04 -3.58 -14.66
N ILE B 199 -0.77 -2.88 -13.87
CA ILE B 199 -2.05 -2.39 -14.36
C ILE B 199 -2.14 -0.89 -14.07
N PHE B 200 -2.84 -0.20 -14.95
CA PHE B 200 -3.12 1.21 -14.86
C PHE B 200 -4.58 1.48 -15.24
N VAL B 202 -7.40 5.00 -15.94
CA VAL B 202 -7.61 6.41 -16.12
C VAL B 202 -9.05 6.72 -15.76
N LYS B 203 -9.21 7.78 -15.00
CA LYS B 203 -10.53 8.31 -14.65
C LYS B 203 -10.49 9.85 -14.62
N ASP B 204 -11.33 10.51 -15.44
CA ASP B 204 -11.39 11.98 -15.57
C ASP B 204 -10.03 12.66 -15.85
N GLY B 205 -9.27 12.11 -16.80
CA GLY B 205 -7.94 12.66 -17.19
C GLY B 205 -6.74 12.32 -16.29
N VAL B 206 -7.05 11.69 -15.12
CA VAL B 206 -6.03 11.30 -14.16
C VAL B 206 -5.63 9.80 -14.28
N VAL B 207 -4.33 9.53 -14.22
CA VAL B 207 -3.82 8.16 -14.23
C VAL B 207 -3.50 7.58 -12.87
N PHE B 208 -4.03 6.39 -12.60
CA PHE B 208 -3.91 5.66 -11.31
C PHE B 208 -3.26 4.33 -11.52
N THR B 209 -2.48 3.89 -10.55
CA THR B 209 -1.88 2.57 -10.59
C THR B 209 -1.70 2.11 -9.13
N PRO B 210 -1.82 0.80 -8.87
CA PRO B 210 -1.60 0.28 -7.51
C PRO B 210 -0.22 0.65 -6.98
N ALA B 211 -0.22 1.12 -5.75
CA ALA B 211 0.98 1.48 -5.05
C ALA B 211 1.82 0.24 -4.81
N ALA B 212 3.13 0.36 -4.93
CA ALA B 212 4.06 -0.76 -4.71
C ALA B 212 4.10 -1.19 -3.23
N ASN B 213 3.75 -2.44 -2.90
CA ASN B 213 3.65 -2.87 -1.50
C ASN B 213 4.36 -4.19 -1.17
N ARG B 214 5.29 -4.59 -2.04
CA ARG B 214 6.10 -5.81 -1.87
C ARG B 214 5.31 -7.13 -2.05
N THR B 215 4.13 -7.08 -2.64
CA THR B 215 3.44 -8.32 -3.01
C THR B 215 3.58 -8.59 -4.49
N PHE B 216 4.15 -7.63 -5.21
CA PHE B 216 4.27 -7.75 -6.67
C PHE B 216 5.43 -6.90 -7.10
N LEU B 217 5.94 -7.18 -8.30
CA LEU B 217 7.03 -6.46 -8.89
C LEU B 217 6.56 -5.16 -9.42
N ALA B 218 7.13 -4.08 -8.89
CA ALA B 218 6.89 -2.76 -9.44
C ALA B 218 7.75 -2.76 -10.71
N GLY B 219 7.14 -2.86 -11.89
CA GLY B 219 7.88 -3.08 -13.14
C GLY B 219 8.82 -1.97 -13.59
N ILE B 220 9.76 -2.35 -14.41
CA ILE B 220 10.60 -1.42 -15.11
C ILE B 220 9.80 -0.62 -16.14
N THR B 221 8.96 -1.31 -16.89
CA THR B 221 8.08 -0.66 -17.86
C THR B 221 7.09 0.31 -17.15
N ARG B 222 6.47 -0.18 -16.10
CA ARG B 222 5.61 0.63 -15.26
C ARG B 222 6.26 1.95 -14.87
N SER B 223 7.47 1.87 -14.39
CA SER B 223 8.19 3.04 -13.89
C SER B 223 8.47 4.04 -15.05
N ARG B 224 8.91 3.51 -16.18
CA ARG B 224 9.16 4.33 -17.35
C ARG B 224 7.91 5.04 -17.83
N VAL B 225 6.81 4.31 -17.86
CA VAL B 225 5.55 4.84 -18.33
C VAL B 225 5.07 5.92 -17.39
N GLY B 227 6.89 7.81 -15.52
CA GLY B 227 7.78 8.95 -15.60
C GLY B 227 7.49 9.73 -16.87
N LEU B 228 7.24 9.00 -17.96
CA LEU B 228 6.92 9.63 -19.25
C LEU B 228 5.64 10.43 -19.16
N LEU B 229 4.59 9.85 -18.62
CA LEU B 229 3.32 10.56 -18.52
C LEU B 229 3.42 11.77 -17.61
N SER B 230 4.15 11.67 -16.49
CA SER B 230 4.38 12.85 -15.63
C SER B 230 5.06 13.95 -16.41
N GLU B 231 6.14 13.61 -17.12
CA GLU B 231 6.89 14.64 -17.83
C GLU B 231 6.04 15.24 -18.91
N ALA B 232 5.03 14.53 -19.38
CA ALA B 232 4.11 15.10 -20.37
C ALA B 232 2.97 15.90 -19.71
N GLY B 233 2.99 16.05 -18.37
CA GLY B 233 1.97 16.82 -17.67
C GLY B 233 0.72 16.11 -17.20
N PHE B 234 0.68 14.78 -17.26
CA PHE B 234 -0.40 14.04 -16.60
C PHE B 234 -0.23 13.92 -15.08
N GLU B 235 -1.35 13.87 -14.38
CA GLU B 235 -1.32 13.47 -12.98
C GLU B 235 -1.28 11.91 -12.96
N VAL B 236 -0.28 11.38 -12.26
CA VAL B 236 -0.09 9.97 -12.14
C VAL B 236 -0.09 9.63 -10.66
N ILE B 237 -1.05 8.82 -10.22
CA ILE B 237 -1.22 8.56 -8.81
C ILE B 237 -1.06 7.08 -8.49
N GLU B 238 -0.10 6.79 -7.62
CA GLU B 238 0.05 5.46 -7.04
C GLU B 238 -0.84 5.38 -5.81
N THR B 239 -1.82 4.48 -5.75
CA THR B 239 -2.76 4.43 -4.60
C THR B 239 -3.28 3.01 -4.38
N SER B 240 -4.23 2.86 -3.47
CA SER B 240 -4.89 1.57 -3.26
C SER B 240 -6.15 1.49 -4.07
N LEU B 241 -6.25 0.56 -5.00
CA LEU B 241 -7.43 0.49 -5.84
C LEU B 241 -8.17 -0.78 -5.58
N THR B 242 -9.48 -0.76 -5.77
CA THR B 242 -10.26 -1.97 -5.67
C THR B 242 -10.89 -2.20 -7.02
N ALA B 244 -14.10 -1.99 -7.64
CA ALA B 244 -15.04 -0.94 -7.91
C ALA B 244 -14.38 0.19 -8.70
N ASP B 245 -13.18 0.63 -8.28
CA ASP B 245 -12.49 1.65 -9.03
C ASP B 245 -12.30 1.30 -10.51
N PHE B 246 -11.97 0.04 -10.78
CA PHE B 246 -11.75 -0.41 -12.16
C PHE B 246 -13.05 -0.52 -12.94
N GLU B 247 -14.12 -0.96 -12.29
CA GLU B 247 -15.45 -0.99 -12.91
C GLU B 247 -15.93 0.39 -13.34
N GLY B 248 -15.43 1.45 -12.68
CA GLY B 248 -15.74 2.85 -13.06
C GLY B 248 -14.74 3.57 -13.94
N ALA B 249 -13.73 2.90 -14.46
CA ALA B 249 -12.64 3.61 -15.15
C ALA B 249 -12.97 3.97 -16.62
N ASP B 250 -12.48 5.10 -17.12
CA ASP B 250 -12.69 5.49 -18.52
C ASP B 250 -11.81 4.64 -19.45
N GLU B 251 -10.55 4.38 -19.04
CA GLU B 251 -9.60 3.52 -19.74
C GLU B 251 -8.83 2.63 -18.76
N ILE B 252 -8.33 1.50 -19.25
CA ILE B 252 -7.48 0.60 -18.47
C ILE B 252 -6.41 0.09 -19.40
N PHE B 253 -5.17 -0.05 -18.93
CA PHE B 253 -4.12 -0.53 -19.79
C PHE B 253 -3.03 -1.16 -18.98
N THR B 254 -2.23 -2.00 -19.61
CA THR B 254 -1.22 -2.76 -18.91
C THR B 254 0.17 -2.40 -19.37
N SER B 255 1.15 -2.70 -18.53
CA SER B 255 2.56 -2.55 -18.86
C SER B 255 3.39 -3.74 -18.41
N GLY B 256 4.36 -4.12 -19.25
CA GLY B 256 5.19 -5.29 -19.00
C GLY B 256 5.20 -6.10 -20.29
N ASN B 257 5.15 -7.43 -20.15
CA ASN B 257 5.07 -8.37 -21.28
C ASN B 257 6.18 -8.08 -22.29
N TYR B 258 7.38 -7.87 -21.77
CA TYR B 258 8.52 -7.48 -22.56
C TYR B 258 8.33 -6.05 -23.14
N SER B 259 8.20 -5.08 -22.26
CA SER B 259 8.21 -3.67 -22.65
C SER B 259 7.10 -3.28 -23.62
N LYS B 260 5.86 -3.56 -23.26
CA LYS B 260 4.69 -3.17 -24.06
C LYS B 260 3.67 -2.52 -23.16
N VAL B 261 2.86 -1.67 -23.79
CA VAL B 261 1.79 -0.92 -23.14
C VAL B 261 0.56 -1.28 -23.92
N LEU B 262 -0.33 -2.07 -23.35
CA LEU B 262 -1.44 -2.64 -24.12
C LEU B 262 -2.77 -2.22 -23.53
N PRO B 263 -3.71 -1.81 -24.40
CA PRO B 263 -5.03 -1.41 -23.94
C PRO B 263 -5.85 -2.63 -23.51
N VAL B 264 -6.71 -2.43 -22.52
CA VAL B 264 -7.69 -3.43 -22.11
C VAL B 264 -9.04 -2.96 -22.65
N THR B 265 -9.68 -3.81 -23.46
CA THR B 265 -10.92 -3.44 -24.15
C THR B 265 -12.13 -4.16 -23.62
N ARG B 266 -11.95 -5.02 -22.62
CA ARG B 266 -13.06 -5.62 -21.89
C ARG B 266 -12.74 -5.86 -20.42
N LEU B 267 -13.63 -5.39 -19.54
CA LEU B 267 -13.53 -5.70 -18.11
C LEU B 267 -14.80 -6.41 -17.72
N GLU B 268 -14.71 -7.68 -17.32
CA GLU B 268 -15.88 -8.50 -17.10
C GLU B 268 -16.82 -8.43 -18.31
N GLN B 269 -18.02 -7.85 -18.14
CA GLN B 269 -19.07 -7.83 -19.18
C GLN B 269 -19.02 -6.54 -19.95
N ARG B 270 -18.34 -5.56 -19.38
CA ARG B 270 -18.28 -4.21 -19.92
C ARG B 270 -17.20 -4.01 -20.99
N GLU B 271 -17.59 -3.52 -22.15
CA GLU B 271 -16.62 -3.16 -23.19
C GLU B 271 -16.14 -1.71 -23.04
N LEU B 272 -14.87 -1.47 -23.39
CA LEU B 272 -14.24 -0.15 -23.34
C LEU B 272 -13.58 0.07 -24.67
N GLN B 273 -13.60 1.33 -25.12
CA GLN B 273 -12.80 1.71 -26.31
C GLN B 273 -11.38 1.90 -25.79
N ALA B 274 -10.41 1.55 -26.64
CA ALA B 274 -9.00 1.90 -26.44
C ALA B 274 -8.94 3.44 -26.47
N GLY B 275 -8.37 4.02 -25.43
CA GLY B 275 -8.55 5.43 -25.15
C GLY B 275 -7.35 6.31 -25.46
N PRO B 276 -7.59 7.62 -25.41
CA PRO B 276 -6.60 8.61 -25.85
C PRO B 276 -5.36 8.62 -24.97
N VAL B 277 -5.54 8.53 -23.66
CA VAL B 277 -4.39 8.51 -22.74
C VAL B 277 -3.53 7.28 -22.97
N THR B 278 -4.17 6.19 -23.31
CA THR B 278 -3.45 4.95 -23.58
C THR B 278 -2.63 5.07 -24.84
N ALA B 279 -3.23 5.64 -25.87
CA ALA B 279 -2.50 5.91 -27.13
C ALA B 279 -1.33 6.87 -26.85
N LYS B 280 -1.54 7.85 -26.00
CA LYS B 280 -0.48 8.80 -25.72
C LYS B 280 0.66 8.16 -24.98
N ALA B 281 0.30 7.28 -24.04
CA ALA B 281 1.28 6.51 -23.29
C ALA B 281 2.08 5.67 -24.27
N ARG B 282 1.40 5.01 -25.22
CA ARG B 282 2.12 4.25 -26.26
C ARG B 282 3.02 5.08 -27.15
N ASP B 283 2.59 6.26 -27.63
CA ASP B 283 3.46 7.13 -28.44
C ASP B 283 4.66 7.66 -27.63
N LEU B 284 4.46 8.06 -26.38
CA LEU B 284 5.60 8.51 -25.55
C LEU B 284 6.65 7.40 -25.36
N TYR B 285 6.18 6.18 -25.13
CA TYR B 285 7.07 5.05 -24.86
C TYR B 285 7.91 4.71 -26.07
N ASP B 287 8.57 6.77 -28.66
CA ASP B 287 9.51 7.81 -28.97
C ASP B 287 10.67 7.70 -27.98
N TRP B 288 10.38 7.47 -26.72
CA TRP B 288 11.47 7.44 -25.76
C TRP B 288 12.41 6.30 -26.11
N ALA B 289 11.85 5.16 -26.49
CA ALA B 289 12.66 3.98 -26.80
C ALA B 289 13.56 4.10 -28.04
N HIS B 290 13.03 4.70 -29.11
CA HIS B 290 13.89 5.01 -30.28
C HIS B 290 15.00 5.97 -29.93
N ALA B 291 14.70 6.97 -29.13
CA ALA B 291 15.65 7.98 -28.79
C ALA B 291 16.80 7.49 -27.91
N THR B 292 16.61 6.38 -27.18
CA THR B 292 17.66 5.84 -26.25
C THR B 292 18.45 4.66 -26.78
N GLU B 293 17.98 4.06 -27.86
CA GLU B 293 18.74 3.12 -28.69
C GLU B 293 20.22 2.90 -28.30
#